data_1PE5
#
_entry.id   1PE5
#
_cell.length_a   93.800
_cell.length_b   93.800
_cell.length_c   131.400
_cell.angle_alpha   90.00
_cell.angle_beta   90.00
_cell.angle_gamma   120.00
#
_symmetry.space_group_name_H-M   'P 61 2 2'
#
loop_
_entity.id
_entity.type
_entity.pdbx_description
1 polymer Thermolysin
2 non-polymer 'ZINC ION'
3 non-polymer 'CALCIUM ION'
4 non-polymer (6-METHYL-3,4-DIHYDRO-2H-CHROMEN-2-YL)METHYLPHOSPHINATE
5 non-polymer LEUCINE
6 non-polymer 3-METHYLBUTAN-1-AMINE
7 water water
#
_entity_poly.entity_id   1
_entity_poly.type   'polypeptide(L)'
_entity_poly.pdbx_seq_one_letter_code
;ITGTSTVGVGRGVLGDQKNINTTYSTYYYLQDNTRGDGIFTYDAKYRTTLPGSLWADADNQFFASYDAPAVDAHYYAGVT
YDYYKNVHNRLSYDGNNAAIRSSVHYSQGYNNAFWNGSEMVYGDGDGQTFIPLSGGIDVVAHELTHAVTDYTAGLIYQNE
SGAINEAISDIFGTLVEFYANKNPDWEIGEDVYTPGISGDSLRSMSDPAKYGDPDHYSKRYTGTQDNGGVHINSGIINKA
AYLISQGGTHYGVSVVGIGRDKLGKIFYRALTQYLTPTSNFSQLRAAAVQSATDLYGSTSQEVASVKQAFDAVGVK
;
_entity_poly.pdbx_strand_id   A
#
loop_
_chem_comp.id
_chem_comp.type
_chem_comp.name
_chem_comp.formula
BR3 non-polymer (6-METHYL-3,4-DIHYDRO-2H-CHROMEN-2-YL)METHYLPHOSPHINATE 'C11 H14 O3 P -1'
CA non-polymer 'CALCIUM ION' 'Ca 2'
ZN non-polymer 'ZINC ION' 'Zn 2'
#
# COMPACT_ATOMS: atom_id res chain seq x y z
N ILE A 1 -0.77 19.96 -17.99
CA ILE A 1 -1.66 20.31 -19.10
C ILE A 1 -2.85 21.17 -18.69
N THR A 2 -3.16 22.26 -19.38
CA THR A 2 -4.32 23.08 -19.01
C THR A 2 -5.45 22.73 -19.96
N GLY A 3 -6.57 22.31 -19.41
CA GLY A 3 -7.66 21.94 -20.29
C GLY A 3 -9.01 21.84 -19.52
N THR A 4 -9.86 21.04 -20.05
CA THR A 4 -11.21 20.84 -19.52
C THR A 4 -11.36 19.49 -18.81
N SER A 5 -11.85 19.45 -17.59
CA SER A 5 -12.00 18.19 -16.94
C SER A 5 -13.14 17.35 -17.52
N THR A 6 -12.97 16.04 -17.71
CA THR A 6 -13.97 15.13 -18.25
C THR A 6 -13.85 13.81 -17.65
N VAL A 7 -14.67 12.90 -18.14
CA VAL A 7 -14.63 11.56 -17.60
C VAL A 7 -14.52 10.56 -18.70
N GLY A 8 -13.57 9.65 -18.69
CA GLY A 8 -13.53 8.66 -19.80
C GLY A 8 -13.87 7.29 -19.17
N VAL A 9 -13.83 6.26 -19.97
CA VAL A 9 -14.13 4.93 -19.43
C VAL A 9 -13.16 3.96 -20.08
N GLY A 10 -12.85 2.92 -19.35
CA GLY A 10 -11.93 1.95 -19.93
C GLY A 10 -11.98 0.64 -19.15
N ARG A 11 -11.02 -0.22 -19.44
CA ARG A 11 -10.99 -1.53 -18.80
C ARG A 11 -9.64 -1.75 -18.14
N GLY A 12 -9.70 -2.28 -16.91
CA GLY A 12 -8.45 -2.48 -16.20
C GLY A 12 -7.82 -3.81 -16.50
N VAL A 13 -6.74 -4.06 -15.80
CA VAL A 13 -5.94 -5.29 -15.98
C VAL A 13 -6.77 -6.56 -15.85
N LEU A 14 -7.68 -6.60 -14.90
CA LEU A 14 -8.49 -7.76 -14.65
C LEU A 14 -9.73 -7.79 -15.55
N GLY A 15 -9.82 -6.83 -16.50
CA GLY A 15 -10.93 -6.81 -17.45
C GLY A 15 -12.19 -6.13 -16.97
N ASP A 16 -12.14 -5.45 -15.84
CA ASP A 16 -13.32 -4.75 -15.30
C ASP A 16 -13.40 -3.36 -15.89
N GLN A 17 -14.57 -2.90 -16.19
CA GLN A 17 -14.75 -1.57 -16.75
C GLN A 17 -14.86 -0.49 -15.69
N LYS A 18 -14.22 0.66 -15.86
CA LYS A 18 -14.37 1.71 -14.88
C LYS A 18 -14.38 3.06 -15.54
N ASN A 19 -14.79 4.13 -14.81
CA ASN A 19 -14.76 5.48 -15.40
C ASN A 19 -13.52 6.08 -14.79
N ILE A 20 -12.80 6.93 -15.52
CA ILE A 20 -11.61 7.54 -14.92
C ILE A 20 -11.68 9.04 -15.25
N ASN A 21 -11.08 9.88 -14.41
CA ASN A 21 -11.09 11.33 -14.61
C ASN A 21 -9.97 11.72 -15.56
N THR A 22 -10.33 12.39 -16.68
CA THR A 22 -9.31 12.76 -17.68
C THR A 22 -9.36 14.29 -17.90
N THR A 23 -8.39 14.76 -18.73
CA THR A 23 -8.39 16.15 -19.03
C THR A 23 -8.37 16.28 -20.52
N TYR A 24 -9.17 17.20 -21.06
CA TYR A 24 -9.15 17.35 -22.53
C TYR A 24 -8.53 18.64 -23.03
N SER A 25 -7.49 18.49 -23.90
CA SER A 25 -6.81 19.59 -24.55
C SER A 25 -6.24 18.99 -25.84
N THR A 26 -7.02 19.03 -26.88
CA THR A 26 -6.64 18.36 -28.15
C THR A 26 -6.68 16.83 -28.02
N TYR A 27 -5.93 16.28 -27.05
CA TYR A 27 -6.04 14.85 -26.77
C TYR A 27 -6.77 14.78 -25.41
N TYR A 28 -7.07 13.56 -25.03
CA TYR A 28 -7.58 13.36 -23.69
C TYR A 28 -6.41 12.84 -22.86
N TYR A 29 -6.12 13.42 -21.71
CA TYR A 29 -5.00 12.91 -20.94
C TYR A 29 -5.43 12.27 -19.62
N LEU A 30 -4.57 11.33 -19.12
CA LEU A 30 -4.79 10.77 -17.84
C LEU A 30 -4.28 11.75 -16.81
N GLN A 31 -5.08 12.77 -16.60
CA GLN A 31 -4.83 13.83 -15.64
C GLN A 31 -6.16 14.10 -14.92
N ASP A 32 -6.21 13.79 -13.63
CA ASP A 32 -7.43 13.95 -12.84
C ASP A 32 -7.31 15.21 -12.05
N ASN A 33 -8.15 16.22 -12.39
CA ASN A 33 -8.01 17.49 -11.68
C ASN A 33 -8.85 17.58 -10.44
N THR A 34 -9.56 16.51 -10.14
CA THR A 34 -10.49 16.52 -9.01
C THR A 34 -9.88 16.26 -7.69
N ARG A 35 -8.65 15.78 -7.71
CA ARG A 35 -8.02 15.42 -6.45
C ARG A 35 -6.75 16.20 -6.17
N GLY A 36 -6.81 17.04 -5.14
CA GLY A 36 -5.69 17.88 -4.79
C GLY A 36 -5.11 18.59 -6.01
N ASP A 37 -3.80 18.61 -6.07
CA ASP A 37 -3.12 19.23 -7.21
C ASP A 37 -3.08 18.26 -8.39
N GLY A 38 -3.84 17.20 -8.40
CA GLY A 38 -3.87 16.34 -9.56
C GLY A 38 -3.23 14.96 -9.43
N ILE A 39 -3.77 14.02 -10.19
CA ILE A 39 -3.19 12.68 -10.31
C ILE A 39 -2.88 12.56 -11.79
N PHE A 40 -1.64 12.20 -12.12
CA PHE A 40 -1.09 12.13 -13.47
C PHE A 40 -0.48 10.76 -13.72
N THR A 41 -0.84 10.20 -14.86
CA THR A 41 -0.36 8.87 -15.20
C THR A 41 0.40 8.93 -16.51
N TYR A 42 1.63 8.32 -16.56
CA TYR A 42 2.51 8.44 -17.69
C TYR A 42 2.86 7.08 -18.31
N ASP A 43 3.23 7.13 -19.56
CA ASP A 43 3.66 5.89 -20.22
C ASP A 43 5.22 5.90 -20.25
N ALA A 44 5.86 4.87 -19.67
CA ALA A 44 7.30 4.77 -19.73
C ALA A 44 7.76 4.00 -21.00
N LYS A 45 6.79 3.47 -21.80
CA LYS A 45 7.02 2.83 -23.11
C LYS A 45 8.11 1.77 -23.13
N TYR A 46 8.10 0.98 -22.06
CA TYR A 46 9.04 -0.13 -21.87
C TYR A 46 10.45 0.34 -21.62
N ARG A 47 10.63 1.57 -21.25
CA ARG A 47 11.95 1.99 -20.98
C ARG A 47 12.07 2.28 -19.49
N THR A 48 13.29 2.72 -19.03
CA THR A 48 13.51 2.95 -17.59
C THR A 48 13.73 4.43 -17.27
N THR A 49 13.64 5.26 -18.33
CA THR A 49 13.72 6.71 -18.21
C THR A 49 12.38 7.19 -17.63
N LEU A 50 12.43 8.01 -16.62
CA LEU A 50 11.21 8.46 -15.95
C LEU A 50 11.02 9.98 -15.98
N PRO A 51 9.78 10.48 -15.97
CA PRO A 51 8.54 9.66 -15.87
C PRO A 51 8.03 9.08 -17.13
N GLY A 52 8.55 9.62 -18.24
CA GLY A 52 7.96 9.14 -19.45
C GLY A 52 7.02 10.25 -20.03
N SER A 53 5.99 9.92 -20.87
CA SER A 53 5.02 10.91 -21.53
C SER A 53 3.71 10.93 -20.80
N LEU A 54 3.12 12.09 -20.48
CA LEU A 54 1.82 12.07 -19.80
C LEU A 54 0.89 11.29 -20.73
N TRP A 55 0.06 10.41 -20.16
CA TRP A 55 -0.70 9.54 -21.06
C TRP A 55 -1.75 10.31 -21.89
N ALA A 56 -1.70 10.19 -23.22
CA ALA A 56 -2.61 10.86 -24.15
C ALA A 56 -3.39 9.86 -24.97
N ASP A 57 -4.71 10.13 -25.11
CA ASP A 57 -5.54 9.20 -25.88
C ASP A 57 -6.43 10.00 -26.78
N ALA A 58 -6.71 9.49 -27.98
CA ALA A 58 -7.48 10.25 -28.86
C ALA A 58 -8.99 10.36 -28.62
N ASP A 59 -9.58 9.33 -28.03
CA ASP A 59 -11.00 9.47 -27.88
C ASP A 59 -11.59 9.25 -26.52
N ASN A 60 -10.80 9.31 -25.44
CA ASN A 60 -11.38 9.16 -24.14
C ASN A 60 -11.95 7.77 -23.81
N GLN A 61 -11.58 6.76 -24.61
CA GLN A 61 -11.94 5.38 -24.40
C GLN A 61 -10.65 4.59 -24.25
N PHE A 62 -10.56 3.82 -23.18
CA PHE A 62 -9.34 3.09 -22.89
C PHE A 62 -9.56 1.60 -22.80
N PHE A 63 -9.85 1.00 -23.98
CA PHE A 63 -10.09 -0.41 -24.01
C PHE A 63 -9.01 -1.26 -24.63
N ALA A 64 -7.92 -0.68 -25.12
CA ALA A 64 -6.81 -1.45 -25.72
C ALA A 64 -6.01 -2.16 -24.64
N SER A 65 -5.41 -3.30 -24.97
CA SER A 65 -4.73 -3.90 -23.81
C SER A 65 -3.56 -3.12 -23.26
N TYR A 66 -2.93 -2.37 -24.16
CA TYR A 66 -1.84 -1.54 -23.74
C TYR A 66 -2.34 -0.48 -22.73
N ASP A 67 -3.63 -0.16 -22.78
CA ASP A 67 -4.17 0.86 -21.91
C ASP A 67 -4.45 0.39 -20.46
N ALA A 68 -4.63 -0.92 -20.26
CA ALA A 68 -5.10 -1.48 -18.99
C ALA A 68 -4.40 -1.08 -17.69
N PRO A 69 -3.08 -1.21 -17.72
CA PRO A 69 -2.25 -0.86 -16.55
C PRO A 69 -2.35 0.64 -16.28
N ALA A 70 -2.54 1.46 -17.29
CA ALA A 70 -2.66 2.86 -16.99
C ALA A 70 -4.02 3.24 -16.37
N VAL A 71 -5.07 2.59 -16.87
CA VAL A 71 -6.42 2.80 -16.27
C VAL A 71 -6.41 2.49 -14.78
N ASP A 72 -5.83 1.31 -14.49
CA ASP A 72 -5.80 0.96 -13.10
C ASP A 72 -4.90 1.80 -12.23
N ALA A 73 -3.72 2.11 -12.71
CA ALA A 73 -2.81 2.91 -11.84
C ALA A 73 -3.53 4.23 -11.56
N HIS A 74 -4.16 4.77 -12.62
CA HIS A 74 -4.82 6.10 -12.48
C HIS A 74 -6.02 6.01 -11.53
N TYR A 75 -6.86 5.02 -11.73
CA TYR A 75 -8.05 4.89 -10.85
C TYR A 75 -7.70 4.54 -9.43
N TYR A 76 -6.76 3.60 -9.23
CA TYR A 76 -6.44 3.16 -7.86
C TYR A 76 -5.74 4.24 -7.06
N ALA A 77 -4.96 5.06 -7.78
CA ALA A 77 -4.32 6.15 -7.07
C ALA A 77 -5.43 7.04 -6.57
N GLY A 78 -6.52 7.24 -7.39
CA GLY A 78 -7.65 8.12 -6.91
C GLY A 78 -8.28 7.56 -5.61
N VAL A 79 -8.59 6.26 -5.64
CA VAL A 79 -9.17 5.64 -4.49
C VAL A 79 -8.31 5.78 -3.25
N THR A 80 -7.01 5.54 -3.45
CA THR A 80 -6.11 5.66 -2.36
C THR A 80 -6.09 7.08 -1.82
N TYR A 81 -6.06 8.07 -2.70
CA TYR A 81 -6.12 9.48 -2.26
C TYR A 81 -7.40 9.65 -1.46
N ASP A 82 -8.48 9.09 -1.95
CA ASP A 82 -9.76 9.23 -1.24
C ASP A 82 -9.75 8.63 0.15
N TYR A 83 -9.17 7.43 0.25
CA TYR A 83 -9.09 6.80 1.55
C TYR A 83 -8.41 7.74 2.53
N TYR A 84 -7.22 8.19 2.18
CA TYR A 84 -6.45 9.05 3.12
C TYR A 84 -7.22 10.31 3.53
N LYS A 85 -7.88 10.84 2.51
CA LYS A 85 -8.58 12.09 2.82
C LYS A 85 -9.83 11.85 3.70
N ASN A 86 -10.64 10.89 3.26
CA ASN A 86 -11.89 10.62 3.94
C ASN A 86 -11.74 9.99 5.28
N VAL A 87 -10.79 9.10 5.43
CA VAL A 87 -10.62 8.40 6.68
C VAL A 87 -9.66 9.10 7.66
N HIS A 88 -8.54 9.68 7.16
CA HIS A 88 -7.59 10.21 8.09
C HIS A 88 -7.45 11.70 7.97
N ASN A 89 -8.20 12.30 7.05
CA ASN A 89 -8.15 13.69 6.82
C ASN A 89 -6.79 14.13 6.40
N ARG A 90 -6.14 13.37 5.55
CA ARG A 90 -4.78 13.76 5.10
C ARG A 90 -4.91 14.06 3.60
N LEU A 91 -4.40 15.23 3.19
CA LEU A 91 -4.48 15.69 1.74
C LEU A 91 -3.21 15.28 1.03
N SER A 92 -3.37 14.18 0.28
CA SER A 92 -2.29 13.56 -0.46
C SER A 92 -1.18 13.04 0.45
N TYR A 93 -0.08 12.63 -0.16
CA TYR A 93 1.00 12.09 0.61
C TYR A 93 1.77 13.04 1.49
N ASP A 94 1.91 14.31 1.11
CA ASP A 94 2.65 15.22 1.97
C ASP A 94 1.78 16.07 2.90
N GLY A 95 0.53 15.78 2.84
CA GLY A 95 -0.50 16.42 3.63
C GLY A 95 -0.82 17.80 3.10
N ASN A 96 -0.24 18.12 2.00
CA ASN A 96 -0.49 19.45 1.41
C ASN A 96 -0.94 19.36 -0.05
N ASN A 97 -1.64 18.28 -0.39
CA ASN A 97 -2.17 18.09 -1.73
C ASN A 97 -1.15 17.95 -2.83
N ALA A 98 0.01 17.39 -2.56
CA ALA A 98 1.02 17.19 -3.63
C ALA A 98 0.46 16.35 -4.82
N ALA A 99 0.85 16.63 -6.10
CA ALA A 99 0.44 15.91 -7.29
C ALA A 99 0.98 14.50 -7.14
N ILE A 100 0.16 13.56 -7.55
CA ILE A 100 0.52 12.16 -7.41
C ILE A 100 0.88 11.66 -8.78
N ARG A 101 2.06 11.11 -9.00
CA ARG A 101 2.33 10.71 -10.38
C ARG A 101 2.71 9.27 -10.44
N SER A 102 2.34 8.61 -11.57
CA SER A 102 2.71 7.19 -11.73
C SER A 102 3.12 6.93 -13.15
N SER A 103 4.06 6.01 -13.34
CA SER A 103 4.40 5.60 -14.69
C SER A 103 4.15 4.08 -14.75
N VAL A 104 3.55 3.60 -15.88
CA VAL A 104 3.30 2.20 -16.17
C VAL A 104 4.14 1.81 -17.37
N HIS A 105 4.13 0.50 -17.72
CA HIS A 105 4.90 0.03 -18.82
C HIS A 105 6.40 0.33 -18.60
N TYR A 106 6.86 0.24 -17.37
CA TYR A 106 8.27 0.46 -17.06
C TYR A 106 9.05 -0.79 -17.29
N SER A 107 10.09 -0.61 -18.08
CA SER A 107 10.99 -1.66 -18.49
C SER A 107 10.29 -2.79 -19.26
N GLN A 108 10.95 -3.95 -19.31
CA GLN A 108 10.36 -5.11 -20.03
C GLN A 108 10.39 -6.25 -19.09
N GLY A 109 9.26 -6.89 -18.96
CA GLY A 109 9.15 -8.05 -18.07
C GLY A 109 9.47 -7.71 -16.63
N TYR A 110 9.23 -6.47 -16.21
CA TYR A 110 9.56 -6.07 -14.85
C TYR A 110 8.59 -6.54 -13.76
N ASN A 111 9.10 -7.40 -12.86
CA ASN A 111 8.23 -7.94 -11.84
C ASN A 111 8.26 -7.19 -10.57
N ASN A 112 8.04 -5.90 -10.59
CA ASN A 112 8.01 -5.19 -9.33
C ASN A 112 7.26 -3.87 -9.53
N ALA A 113 7.12 -3.12 -8.41
CA ALA A 113 6.52 -1.79 -8.39
C ALA A 113 7.25 -1.08 -7.30
N PHE A 114 7.36 0.23 -7.38
CA PHE A 114 8.08 0.93 -6.35
C PHE A 114 7.81 2.43 -6.37
N TRP A 115 8.28 3.07 -5.30
CA TRP A 115 8.18 4.51 -5.11
C TRP A 115 9.64 4.96 -5.19
N ASN A 116 10.00 5.85 -6.13
CA ASN A 116 11.38 6.24 -6.37
C ASN A 116 11.87 7.48 -5.67
N GLY A 117 11.06 7.91 -4.68
CA GLY A 117 11.36 9.12 -3.94
C GLY A 117 10.54 10.31 -4.44
N SER A 118 10.00 10.15 -5.64
CA SER A 118 9.16 11.21 -6.25
C SER A 118 7.89 10.71 -6.94
N GLU A 119 7.75 9.45 -7.26
CA GLU A 119 6.61 8.98 -8.00
C GLU A 119 6.54 7.47 -7.88
N MET A 120 5.42 6.89 -8.32
CA MET A 120 5.25 5.45 -8.34
C MET A 120 5.60 4.96 -9.68
N VAL A 121 6.08 3.72 -9.73
CA VAL A 121 6.54 3.12 -10.98
C VAL A 121 6.00 1.64 -10.98
N TYR A 122 5.40 1.24 -12.09
CA TYR A 122 4.82 -0.14 -12.20
C TYR A 122 5.31 -0.93 -13.35
N GLY A 123 5.85 -2.16 -13.07
CA GLY A 123 6.29 -3.02 -14.14
C GLY A 123 5.02 -3.75 -14.68
N ASP A 124 5.14 -4.37 -15.89
CA ASP A 124 4.07 -5.12 -16.53
C ASP A 124 4.14 -6.60 -16.08
N GLY A 125 5.21 -7.00 -15.33
CA GLY A 125 5.35 -8.44 -14.92
C GLY A 125 5.82 -9.20 -16.18
N ASP A 126 6.26 -10.44 -16.04
CA ASP A 126 6.76 -11.17 -17.20
C ASP A 126 5.58 -11.94 -17.74
N GLY A 127 4.46 -11.83 -17.04
CA GLY A 127 3.27 -12.53 -17.52
C GLY A 127 3.08 -13.91 -16.96
N GLN A 128 4.02 -14.39 -16.16
CA GLN A 128 3.95 -15.72 -15.51
C GLN A 128 4.03 -15.55 -13.98
N THR A 129 4.98 -14.81 -13.56
CA THR A 129 5.04 -14.57 -12.17
C THR A 129 4.00 -13.48 -11.84
N PHE A 130 3.91 -12.42 -12.73
CA PHE A 130 2.96 -11.38 -12.46
C PHE A 130 2.36 -10.92 -13.76
N ILE A 131 1.25 -10.23 -13.57
CA ILE A 131 0.62 -9.49 -14.61
C ILE A 131 0.86 -8.04 -14.18
N PRO A 132 0.53 -7.04 -15.03
CA PRO A 132 0.88 -5.69 -14.72
C PRO A 132 0.53 -5.33 -13.31
N LEU A 133 1.51 -4.84 -12.58
CA LEU A 133 1.32 -4.68 -11.14
C LEU A 133 0.24 -3.68 -10.64
N SER A 134 -0.10 -2.70 -11.45
CA SER A 134 -1.11 -1.74 -11.00
C SER A 134 -2.51 -2.32 -10.98
N GLY A 135 -2.64 -3.58 -11.41
CA GLY A 135 -3.99 -4.20 -11.37
C GLY A 135 -4.37 -4.60 -9.87
N GLY A 136 -3.48 -4.44 -8.89
CA GLY A 136 -3.77 -4.84 -7.50
C GLY A 136 -3.95 -3.58 -6.69
N ILE A 137 -5.16 -3.36 -6.16
CA ILE A 137 -5.34 -2.14 -5.39
C ILE A 137 -4.42 -2.12 -4.13
N ASP A 138 -4.11 -3.30 -3.54
CA ASP A 138 -3.26 -3.36 -2.36
C ASP A 138 -1.84 -2.98 -2.74
N VAL A 139 -1.44 -3.30 -3.98
CA VAL A 139 -0.08 -2.95 -4.48
C VAL A 139 0.02 -1.42 -4.67
N VAL A 140 -1.01 -0.83 -5.32
CA VAL A 140 -0.96 0.64 -5.58
C VAL A 140 -0.92 1.36 -4.25
N ALA A 141 -1.79 0.92 -3.32
CA ALA A 141 -1.85 1.55 -2.02
C ALA A 141 -0.55 1.29 -1.20
N HIS A 142 0.08 0.12 -1.44
CA HIS A 142 1.37 -0.18 -0.73
C HIS A 142 2.39 0.90 -1.18
N GLU A 143 2.39 1.19 -2.50
CA GLU A 143 3.32 2.17 -3.10
C GLU A 143 3.13 3.57 -2.60
N LEU A 144 1.89 4.02 -2.59
CA LEU A 144 1.63 5.41 -2.16
C LEU A 144 1.86 5.55 -0.67
N THR A 145 1.65 4.51 0.12
CA THR A 145 1.89 4.65 1.52
C THR A 145 3.38 4.78 1.73
N HIS A 146 4.29 4.26 0.87
CA HIS A 146 5.73 4.46 1.14
C HIS A 146 5.91 5.97 1.08
N ALA A 147 5.23 6.65 0.17
CA ALA A 147 5.37 8.13 0.11
C ALA A 147 4.88 8.79 1.40
N VAL A 148 3.73 8.29 1.92
CA VAL A 148 3.22 8.82 3.18
C VAL A 148 4.26 8.67 4.29
N THR A 149 4.85 7.50 4.37
CA THR A 149 5.82 7.23 5.44
C THR A 149 7.07 8.12 5.32
N ASP A 150 7.53 8.24 4.08
CA ASP A 150 8.71 9.05 3.82
C ASP A 150 8.52 10.53 4.23
N TYR A 151 7.30 11.05 4.05
CA TYR A 151 6.99 12.42 4.44
C TYR A 151 6.66 12.60 5.89
N THR A 152 6.47 11.50 6.62
CA THR A 152 6.08 11.62 8.03
C THR A 152 7.17 11.06 8.95
N ALA A 153 7.00 9.80 9.36
CA ALA A 153 8.05 9.16 10.25
C ALA A 153 9.46 9.12 9.58
N GLY A 154 9.53 8.84 8.22
CA GLY A 154 10.80 8.81 7.49
C GLY A 154 11.61 7.55 7.85
N LEU A 155 10.91 6.47 8.22
CA LEU A 155 11.59 5.22 8.60
C LEU A 155 12.62 4.81 7.56
N ILE A 156 13.88 4.68 7.99
CA ILE A 156 15.00 4.28 7.13
C ILE A 156 14.78 2.84 6.57
N TYR A 157 15.18 2.64 5.34
CA TYR A 157 14.91 1.39 4.72
C TYR A 157 15.90 0.29 4.99
N GLN A 158 16.02 0.02 6.27
CA GLN A 158 16.86 -1.10 6.57
C GLN A 158 16.68 -1.64 7.97
N ASN A 159 17.01 -2.99 8.15
CA ASN A 159 16.82 -3.55 9.50
C ASN A 159 15.40 -3.35 10.01
N GLU A 160 15.27 -3.12 11.32
CA GLU A 160 13.92 -3.05 11.94
C GLU A 160 13.08 -1.91 11.42
N SER A 161 13.76 -0.77 11.27
CA SER A 161 12.95 0.38 10.84
C SER A 161 12.37 0.16 9.47
N GLY A 162 13.15 -0.48 8.65
CA GLY A 162 12.80 -0.80 7.27
C GLY A 162 11.65 -1.85 7.22
N ALA A 163 11.68 -2.79 8.13
CA ALA A 163 10.60 -3.78 8.16
C ALA A 163 9.37 -3.10 8.68
N ILE A 164 9.47 -2.12 9.57
CA ILE A 164 8.23 -1.39 9.96
C ILE A 164 7.66 -0.60 8.74
N ASN A 165 8.56 0.05 8.00
CA ASN A 165 8.21 0.79 6.80
C ASN A 165 7.45 -0.14 5.86
N GLU A 166 8.01 -1.35 5.60
CA GLU A 166 7.29 -2.32 4.70
C GLU A 166 5.89 -2.78 5.24
N ALA A 167 5.83 -3.09 6.54
CA ALA A 167 4.57 -3.47 7.16
C ALA A 167 3.52 -2.37 7.11
N ILE A 168 3.93 -1.10 7.32
CA ILE A 168 2.95 -0.02 7.24
C ILE A 168 2.34 0.00 5.85
N SER A 169 3.19 -0.15 4.83
CA SER A 169 2.68 -0.18 3.44
C SER A 169 1.76 -1.38 3.21
N ASP A 170 2.06 -2.54 3.77
CA ASP A 170 1.13 -3.73 3.60
C ASP A 170 -0.16 -3.50 4.41
N ILE A 171 -0.07 -2.96 5.61
CA ILE A 171 -1.24 -2.74 6.41
C ILE A 171 -2.19 -1.79 5.72
N PHE A 172 -1.65 -0.61 5.36
CA PHE A 172 -2.54 0.35 4.72
C PHE A 172 -2.93 -0.10 3.33
N GLY A 173 -2.11 -0.84 2.67
CA GLY A 173 -2.55 -1.30 1.35
C GLY A 173 -3.80 -2.16 1.51
N THR A 174 -3.75 -2.93 2.60
CA THR A 174 -4.84 -3.84 2.97
C THR A 174 -6.05 -3.03 3.43
N LEU A 175 -5.85 -2.01 4.26
CA LEU A 175 -7.01 -1.21 4.65
C LEU A 175 -7.67 -0.57 3.44
N VAL A 176 -6.87 -0.13 2.46
CA VAL A 176 -7.46 0.47 1.25
C VAL A 176 -8.26 -0.61 0.46
N GLU A 177 -7.72 -1.83 0.39
CA GLU A 177 -8.43 -2.86 -0.28
C GLU A 177 -9.80 -3.07 0.42
N PHE A 178 -9.89 -2.98 1.75
CA PHE A 178 -11.21 -3.18 2.36
C PHE A 178 -12.07 -1.98 2.16
N TYR A 179 -11.47 -0.77 2.13
CA TYR A 179 -12.21 0.45 1.92
C TYR A 179 -12.90 0.44 0.57
N ALA A 180 -12.25 -0.09 -0.38
CA ALA A 180 -12.81 -0.07 -1.72
C ALA A 180 -13.72 -1.25 -1.89
N ASN A 181 -13.67 -2.15 -0.92
CA ASN A 181 -14.50 -3.33 -0.97
C ASN A 181 -14.23 -4.14 -2.22
N LYS A 182 -13.00 -4.17 -2.72
CA LYS A 182 -12.71 -4.95 -3.91
C LYS A 182 -12.37 -6.40 -3.44
N ASN A 183 -13.32 -7.32 -3.17
CA ASN A 183 -12.92 -8.68 -2.72
C ASN A 183 -11.76 -8.62 -1.70
N PRO A 184 -11.93 -8.00 -0.58
CA PRO A 184 -10.79 -7.82 0.35
C PRO A 184 -10.38 -9.04 1.15
N ASP A 185 -9.10 -9.12 1.53
CA ASP A 185 -8.51 -10.20 2.30
C ASP A 185 -7.33 -9.66 3.02
N TRP A 186 -6.61 -10.54 3.72
CA TRP A 186 -5.41 -10.14 4.46
C TRP A 186 -4.12 -10.66 3.83
N GLU A 187 -4.23 -10.83 2.50
CA GLU A 187 -3.13 -11.27 1.65
C GLU A 187 -2.66 -10.06 0.84
N ILE A 188 -1.42 -10.12 0.43
CA ILE A 188 -0.83 -9.02 -0.42
C ILE A 188 -0.54 -9.48 -1.87
N GLY A 189 -1.12 -8.74 -2.83
CA GLY A 189 -0.84 -8.96 -4.24
C GLY A 189 -1.49 -10.14 -4.94
N GLU A 190 -2.45 -10.70 -4.24
CA GLU A 190 -3.15 -11.82 -4.81
C GLU A 190 -3.70 -11.64 -6.20
N ASP A 191 -4.14 -10.40 -6.50
CA ASP A 191 -4.79 -10.22 -7.81
C ASP A 191 -3.86 -10.18 -8.99
N VAL A 192 -2.53 -9.96 -8.79
CA VAL A 192 -1.64 -9.87 -9.97
C VAL A 192 -0.51 -10.87 -9.95
N TYR A 193 -0.50 -11.68 -8.92
CA TYR A 193 0.57 -12.67 -8.78
C TYR A 193 0.23 -14.05 -9.36
N THR A 194 1.10 -14.68 -10.14
CA THR A 194 0.90 -16.06 -10.74
C THR A 194 -0.51 -16.32 -11.22
N PRO A 195 -0.82 -15.70 -12.35
CA PRO A 195 -2.12 -15.75 -12.98
C PRO A 195 -2.49 -17.20 -13.23
N GLY A 196 -1.45 -18.01 -13.30
CA GLY A 196 -1.63 -19.46 -13.48
C GLY A 196 -2.10 -20.22 -12.20
N ILE A 197 -1.79 -19.71 -11.03
CA ILE A 197 -2.19 -20.39 -9.83
C ILE A 197 -3.15 -19.60 -9.00
N SER A 198 -4.23 -20.22 -8.65
CA SER A 198 -5.22 -19.54 -7.86
C SER A 198 -4.97 -19.65 -6.36
N GLY A 199 -5.41 -18.70 -5.59
CA GLY A 199 -5.26 -18.93 -4.16
C GLY A 199 -3.97 -18.59 -3.50
N ASP A 200 -2.97 -18.20 -4.26
CA ASP A 200 -1.71 -17.79 -3.66
C ASP A 200 -1.63 -16.23 -3.61
N SER A 201 -0.52 -15.74 -3.04
CA SER A 201 -0.29 -14.30 -2.85
C SER A 201 1.17 -14.14 -2.59
N LEU A 202 1.68 -12.89 -2.57
CA LEU A 202 3.09 -12.67 -2.27
C LEU A 202 3.41 -12.87 -0.80
N ARG A 203 2.59 -12.30 0.07
CA ARG A 203 2.77 -12.40 1.49
C ARG A 203 1.39 -12.52 2.11
N SER A 204 1.37 -13.04 3.34
CA SER A 204 0.10 -13.17 4.04
C SER A 204 0.21 -12.44 5.35
N MET A 205 -0.78 -11.64 5.70
CA MET A 205 -0.73 -10.94 7.00
C MET A 205 -1.37 -11.84 8.07
N SER A 206 -2.34 -12.64 7.64
CA SER A 206 -3.03 -13.56 8.64
C SER A 206 -2.16 -14.76 9.00
N ASP A 207 -1.27 -15.14 8.10
CA ASP A 207 -0.37 -16.24 8.39
C ASP A 207 0.89 -16.14 7.61
N PRO A 208 1.75 -15.27 8.08
CA PRO A 208 2.92 -15.03 7.32
C PRO A 208 3.73 -16.27 6.99
N ALA A 209 3.75 -17.24 7.92
CA ALA A 209 4.59 -18.39 7.81
C ALA A 209 4.19 -19.26 6.64
N LYS A 210 3.00 -18.99 6.10
CA LYS A 210 2.54 -19.75 4.94
C LYS A 210 3.54 -19.63 3.79
N TYR A 211 4.29 -18.55 3.70
CA TYR A 211 5.25 -18.41 2.65
C TYR A 211 6.61 -18.35 3.25
N GLY A 212 6.78 -18.77 4.48
CA GLY A 212 8.09 -18.76 5.11
C GLY A 212 8.49 -17.47 5.80
N ASP A 213 7.60 -16.51 5.92
CA ASP A 213 8.04 -15.31 6.63
C ASP A 213 7.80 -15.49 8.14
N PRO A 214 8.58 -14.84 9.01
CA PRO A 214 8.42 -14.99 10.46
C PRO A 214 7.12 -14.46 11.00
N ASP A 215 6.66 -15.13 12.07
CA ASP A 215 5.41 -14.65 12.68
C ASP A 215 5.63 -14.53 14.18
N HIS A 216 6.87 -14.40 14.56
CA HIS A 216 7.22 -14.25 15.93
C HIS A 216 8.62 -13.69 15.96
N TYR A 217 8.96 -12.83 16.92
CA TYR A 217 10.29 -12.17 16.97
C TYR A 217 11.45 -13.12 17.07
N SER A 218 11.16 -14.26 17.67
CA SER A 218 12.23 -15.26 17.83
C SER A 218 12.65 -15.84 16.51
N LYS A 219 11.87 -15.58 15.52
CA LYS A 219 12.14 -16.16 14.19
C LYS A 219 12.63 -15.14 13.13
N ARG A 220 12.96 -13.91 13.60
CA ARG A 220 13.41 -12.77 12.79
C ARG A 220 14.69 -13.15 12.05
N TYR A 221 14.80 -12.68 10.82
CA TYR A 221 15.94 -12.90 9.98
C TYR A 221 16.97 -11.86 10.39
N THR A 222 18.19 -12.31 10.58
CA THR A 222 19.22 -11.43 11.07
C THR A 222 20.32 -11.21 10.07
N GLY A 223 20.16 -11.75 8.85
CA GLY A 223 21.18 -11.57 7.82
C GLY A 223 21.22 -10.26 7.06
N THR A 224 21.90 -10.23 5.92
CA THR A 224 22.01 -8.97 5.23
C THR A 224 21.25 -8.87 3.96
N GLN A 225 20.67 -9.93 3.45
CA GLN A 225 20.02 -9.59 2.27
C GLN A 225 18.68 -8.81 2.54
N ASP A 226 18.14 -8.29 1.44
CA ASP A 226 16.90 -7.48 1.49
C ASP A 226 17.08 -6.37 2.51
N ASN A 227 18.23 -5.72 2.48
CA ASN A 227 18.45 -4.63 3.45
C ASN A 227 18.22 -5.08 4.91
N GLY A 228 18.64 -6.33 5.20
CA GLY A 228 18.40 -6.77 6.55
C GLY A 228 17.00 -7.38 6.74
N GLY A 229 16.38 -7.85 5.65
CA GLY A 229 15.03 -8.52 5.71
C GLY A 229 13.79 -7.66 5.82
N VAL A 230 13.86 -6.47 5.17
CA VAL A 230 12.74 -5.61 5.32
C VAL A 230 11.43 -6.20 4.81
N HIS A 231 11.47 -7.07 3.77
CA HIS A 231 10.26 -7.65 3.30
C HIS A 231 9.99 -9.00 3.99
N ILE A 232 10.93 -9.37 4.89
CA ILE A 232 10.78 -10.64 5.62
C ILE A 232 10.23 -10.43 7.01
N ASN A 233 10.94 -9.61 7.79
CA ASN A 233 10.60 -9.30 9.17
C ASN A 233 9.32 -8.47 9.29
N SER A 234 8.88 -7.95 8.13
CA SER A 234 7.62 -7.19 8.17
C SER A 234 6.55 -8.17 8.58
N GLY A 235 6.77 -9.46 8.31
CA GLY A 235 5.77 -10.47 8.69
C GLY A 235 5.35 -10.41 10.15
N ILE A 236 6.32 -10.06 11.01
CA ILE A 236 6.03 -10.03 12.47
C ILE A 236 5.10 -8.91 12.83
N ILE A 237 5.27 -7.72 12.19
CA ILE A 237 4.38 -6.60 12.44
C ILE A 237 3.01 -6.83 11.75
N ASN A 238 3.08 -7.41 10.51
CA ASN A 238 1.79 -7.66 9.86
C ASN A 238 0.96 -8.62 10.67
N LYS A 239 1.61 -9.65 11.27
CA LYS A 239 0.79 -10.55 12.10
C LYS A 239 0.21 -9.83 13.30
N ALA A 240 1.02 -8.95 13.92
CA ALA A 240 0.47 -8.19 15.00
C ALA A 240 -0.73 -7.36 14.60
N ALA A 241 -0.59 -6.70 13.45
CA ALA A 241 -1.68 -5.82 13.03
C ALA A 241 -2.93 -6.63 12.75
N TYR A 242 -2.72 -7.83 12.13
CA TYR A 242 -3.84 -8.73 11.84
C TYR A 242 -4.49 -9.13 13.20
N LEU A 243 -3.68 -9.48 14.22
CA LEU A 243 -4.36 -9.87 15.44
C LEU A 243 -5.08 -8.72 16.11
N ILE A 244 -4.55 -7.52 16.09
CA ILE A 244 -5.24 -6.41 16.77
C ILE A 244 -6.63 -6.19 16.16
N SER A 245 -6.66 -6.42 14.84
CA SER A 245 -7.90 -6.23 14.11
C SER A 245 -8.94 -7.35 14.31
N GLN A 246 -8.48 -8.55 14.01
CA GLN A 246 -9.30 -9.74 13.96
C GLN A 246 -9.35 -10.59 15.17
N GLY A 247 -8.33 -10.56 16.00
CA GLY A 247 -8.32 -11.38 17.19
C GLY A 247 -7.72 -12.72 16.88
N GLY A 248 -7.52 -13.52 17.95
CA GLY A 248 -7.00 -14.87 17.83
C GLY A 248 -6.05 -15.15 18.95
N THR A 249 -5.64 -16.39 18.94
CA THR A 249 -4.69 -16.95 19.92
C THR A 249 -3.47 -17.36 19.10
N HIS A 250 -2.33 -16.76 19.38
CA HIS A 250 -1.14 -17.07 18.57
C HIS A 250 -0.06 -17.41 19.54
N TYR A 251 0.61 -18.54 19.38
CA TYR A 251 1.61 -18.94 20.39
C TYR A 251 1.10 -18.94 21.83
N GLY A 252 -0.17 -19.31 22.02
CA GLY A 252 -0.72 -19.39 23.36
C GLY A 252 -1.23 -18.10 23.91
N VAL A 253 -1.04 -16.98 23.18
CA VAL A 253 -1.50 -15.63 23.70
C VAL A 253 -2.78 -15.22 23.00
N SER A 254 -3.85 -14.92 23.73
CA SER A 254 -5.12 -14.58 23.10
C SER A 254 -5.27 -13.07 23.00
N VAL A 255 -5.85 -12.65 21.88
CA VAL A 255 -6.05 -11.23 21.65
C VAL A 255 -7.46 -11.04 21.22
N VAL A 256 -8.07 -10.05 21.81
CA VAL A 256 -9.42 -9.74 21.38
C VAL A 256 -9.32 -8.73 20.24
N GLY A 257 -9.98 -9.06 19.12
CA GLY A 257 -10.04 -8.22 17.93
C GLY A 257 -10.71 -6.88 18.19
N ILE A 258 -10.19 -5.74 17.66
CA ILE A 258 -10.89 -4.44 17.89
C ILE A 258 -11.41 -3.85 16.57
N GLY A 259 -11.09 -4.58 15.51
CA GLY A 259 -11.65 -4.19 14.23
C GLY A 259 -10.70 -3.36 13.36
N ARG A 260 -10.99 -3.28 12.09
CA ARG A 260 -10.08 -2.58 11.19
C ARG A 260 -9.99 -1.08 11.27
N ASP A 261 -11.09 -0.45 11.62
CA ASP A 261 -11.11 1.01 11.71
C ASP A 261 -10.20 1.48 12.77
N LYS A 262 -10.37 0.85 13.93
CA LYS A 262 -9.52 1.24 15.03
C LYS A 262 -8.04 0.89 14.70
N LEU A 263 -7.79 -0.31 14.08
CA LEU A 263 -6.42 -0.65 13.72
C LEU A 263 -5.80 0.55 12.90
N GLY A 264 -6.52 0.96 11.88
CA GLY A 264 -6.11 2.08 11.01
C GLY A 264 -5.93 3.38 11.81
N LYS A 265 -6.84 3.72 12.75
CA LYS A 265 -6.66 4.95 13.48
C LYS A 265 -5.43 4.89 14.36
N ILE A 266 -5.21 3.73 15.01
CA ILE A 266 -4.05 3.65 15.89
C ILE A 266 -2.74 3.65 15.12
N PHE A 267 -2.63 2.90 14.01
CA PHE A 267 -1.33 2.93 13.31
C PHE A 267 -1.04 4.29 12.60
N TYR A 268 -2.05 4.93 12.08
CA TYR A 268 -1.87 6.24 11.43
C TYR A 268 -1.38 7.24 12.48
N ARG A 269 -1.98 7.17 13.67
CA ARG A 269 -1.50 8.06 14.68
C ARG A 269 -0.03 7.75 15.04
N ALA A 270 0.29 6.47 15.25
CA ALA A 270 1.67 6.07 15.62
C ALA A 270 2.61 6.65 14.53
N LEU A 271 2.28 6.39 13.28
CA LEU A 271 3.10 6.84 12.15
C LEU A 271 3.34 8.33 12.04
N THR A 272 2.27 9.07 12.30
CA THR A 272 2.33 10.49 12.10
C THR A 272 2.76 11.24 13.25
N GLN A 273 2.63 10.64 14.47
CA GLN A 273 3.05 11.43 15.63
C GLN A 273 4.18 10.89 16.40
N TYR A 274 4.37 9.57 16.40
CA TYR A 274 5.32 9.05 17.33
C TYR A 274 6.53 8.37 16.74
N LEU A 275 6.38 7.85 15.61
CA LEU A 275 7.56 7.15 15.06
C LEU A 275 8.62 8.12 14.49
N THR A 276 9.84 7.65 14.42
CA THR A 276 10.96 8.41 13.90
C THR A 276 11.76 7.55 12.90
N PRO A 277 12.71 8.15 12.17
CA PRO A 277 13.43 7.41 11.18
C PRO A 277 14.10 6.15 11.67
N THR A 278 14.51 6.07 12.93
CA THR A 278 15.28 4.90 13.38
C THR A 278 14.54 4.06 14.38
N SER A 279 13.24 4.23 14.41
CA SER A 279 12.43 3.47 15.35
C SER A 279 12.57 1.97 15.11
N ASN A 280 12.65 1.16 16.16
CA ASN A 280 12.72 -0.30 16.08
C ASN A 280 11.39 -0.93 16.53
N PHE A 281 11.30 -2.27 16.51
CA PHE A 281 10.01 -2.87 16.87
C PHE A 281 9.51 -2.52 18.22
N SER A 282 10.45 -2.51 19.15
CA SER A 282 10.05 -2.22 20.50
C SER A 282 9.51 -0.77 20.57
N GLN A 283 10.13 0.15 19.81
CA GLN A 283 9.64 1.48 19.88
C GLN A 283 8.28 1.56 19.17
N LEU A 284 8.09 0.73 18.14
CA LEU A 284 6.77 0.70 17.49
C LEU A 284 5.69 0.24 18.50
N ARG A 285 6.04 -0.70 19.33
CA ARG A 285 5.03 -1.12 20.30
C ARG A 285 4.65 0.01 21.26
N ALA A 286 5.67 0.78 21.75
CA ALA A 286 5.41 1.92 22.68
C ALA A 286 4.56 2.97 21.97
N ALA A 287 4.83 3.15 20.68
CA ALA A 287 4.10 4.11 19.89
C ALA A 287 2.62 3.79 19.70
N ALA A 288 2.39 2.51 19.47
CA ALA A 288 1.09 1.98 19.25
C ALA A 288 0.27 2.01 20.55
N VAL A 289 0.90 1.65 21.63
CA VAL A 289 0.22 1.68 22.91
C VAL A 289 -0.11 3.11 23.29
N GLN A 290 0.83 4.01 23.09
CA GLN A 290 0.53 5.45 23.41
C GLN A 290 -0.57 6.04 22.55
N SER A 291 -0.54 5.71 21.25
CA SER A 291 -1.57 6.16 20.28
C SER A 291 -2.95 5.65 20.74
N ALA A 292 -3.05 4.32 21.07
CA ALA A 292 -4.33 3.75 21.49
C ALA A 292 -4.81 4.46 22.78
N THR A 293 -3.84 4.78 23.66
CA THR A 293 -4.07 5.52 24.95
C THR A 293 -4.65 6.88 24.69
N ASP A 294 -4.03 7.61 23.74
CA ASP A 294 -4.49 8.89 23.35
C ASP A 294 -5.88 8.79 22.86
N LEU A 295 -6.13 7.78 22.05
CA LEU A 295 -7.45 7.70 21.48
C LEU A 295 -8.55 7.10 22.32
N TYR A 296 -8.27 6.04 23.05
CA TYR A 296 -9.37 5.35 23.76
C TYR A 296 -9.21 5.28 25.23
N GLY A 297 -8.17 5.82 25.80
CA GLY A 297 -8.03 5.72 27.25
C GLY A 297 -7.12 4.58 27.74
N SER A 298 -6.36 4.83 28.78
CA SER A 298 -5.46 3.80 29.28
C SER A 298 -6.11 2.53 29.74
N THR A 299 -7.31 2.63 30.18
CA THR A 299 -7.86 1.43 30.65
C THR A 299 -8.71 0.83 29.61
N SER A 300 -8.56 1.31 28.43
CA SER A 300 -9.37 0.73 27.37
C SER A 300 -9.02 -0.73 26.91
N GLN A 301 -10.01 -1.37 26.38
CA GLN A 301 -9.83 -2.67 25.78
C GLN A 301 -8.91 -2.56 24.50
N GLU A 302 -8.97 -1.39 23.86
CA GLU A 302 -8.15 -1.13 22.68
C GLU A 302 -6.69 -1.16 23.13
N VAL A 303 -6.36 -0.47 24.19
CA VAL A 303 -5.00 -0.54 24.65
C VAL A 303 -4.60 -1.99 24.99
N ALA A 304 -5.53 -2.65 25.66
CA ALA A 304 -5.30 -4.02 26.07
C ALA A 304 -4.91 -4.92 24.89
N SER A 305 -5.68 -4.85 23.84
CA SER A 305 -5.45 -5.63 22.62
C SER A 305 -4.17 -5.27 21.93
N VAL A 306 -3.82 -3.95 21.86
CA VAL A 306 -2.55 -3.65 21.21
C VAL A 306 -1.42 -4.35 22.04
N LYS A 307 -1.56 -4.28 23.36
CA LYS A 307 -0.52 -4.97 24.16
C LYS A 307 -0.44 -6.51 23.91
N GLN A 308 -1.60 -7.17 23.94
CA GLN A 308 -1.69 -8.62 23.77
C GLN A 308 -1.05 -9.05 22.44
N ALA A 309 -1.38 -8.32 21.38
CA ALA A 309 -0.90 -8.61 20.04
C ALA A 309 0.63 -8.50 19.97
N PHE A 310 1.18 -7.45 20.51
CA PHE A 310 2.62 -7.41 20.50
C PHE A 310 3.23 -8.55 21.33
N ASP A 311 2.65 -8.82 22.49
CA ASP A 311 3.14 -9.92 23.26
C ASP A 311 3.06 -11.22 22.46
N ALA A 312 1.96 -11.40 21.73
CA ALA A 312 1.82 -12.64 20.98
C ALA A 312 2.90 -12.86 19.97
N VAL A 313 3.47 -11.78 19.40
CA VAL A 313 4.51 -11.87 18.38
C VAL A 313 5.84 -11.68 18.97
N GLY A 314 5.87 -11.63 20.28
CA GLY A 314 7.17 -11.61 20.88
C GLY A 314 7.87 -10.29 20.95
N VAL A 315 7.17 -9.17 20.70
CA VAL A 315 7.81 -7.87 20.75
C VAL A 315 7.51 -7.19 22.07
N LYS A 316 8.57 -6.89 22.83
CA LYS A 316 8.37 -6.27 24.09
C LYS A 316 8.86 -4.82 24.02
ZN ZN B . 7.39 -1.75 -0.07
CA CA C . -5.01 -8.27 -0.85
CA CA D . -8.29 -9.23 -2.52
CA CA E . -8.64 5.34 -26.92
CA CA F . -1.92 -16.54 -8.34
CA1 BR3 G . 10.82 -6.35 -3.01
CB2 BR3 G . 11.45 -5.15 -3.29
O BR3 G . 10.51 -4.21 -3.64
CZ2 BR3 G . 10.92 -2.88 -3.34
CA2 BR3 G . 9.86 -1.84 -3.69
P BR3 G . 8.38 -2.03 -2.80
OP1 BR3 G . 8.42 -2.61 -1.38
OP2 BR3 G . 7.67 -0.73 -2.92
CZ3 BR3 G . 12.32 -2.62 -3.62
CE3 BR3 G . 13.29 -3.66 -3.31
CG2 BR3 G . 12.80 -4.98 -3.10
CD BR3 G . 13.53 -6.18 -2.65
CG1 BR3 G . 12.95 -7.44 -2.39
CB1 BR3 G . 11.60 -7.43 -2.57
CH2 BR3 G . 13.70 -8.54 -1.92
N LEU H . 7.56 -3.14 -3.77
CA LEU H . 6.64 -4.12 -3.18
C LEU H . 7.39 -5.37 -2.73
O LEU H . 6.96 -6.06 -1.81
CB LEU H . 5.66 -4.65 -4.28
CG LEU H . 4.59 -5.67 -3.82
CD1 LEU H . 3.58 -4.97 -2.93
CD2 LEU H . 3.91 -6.25 -5.08
CD2 LEN I . 8.06 -9.08 -6.04
CG LEN I . 8.03 -8.19 -4.83
CD1 LEN I . 7.59 -9.05 -3.66
CB LEN I . 9.42 -7.69 -4.47
CA LEN I . 9.37 -6.89 -3.14
N LEN I . 8.51 -5.64 -3.42
#